data_9GNM
#
_entry.id   9GNM
#
_cell.length_a   54.028
_cell.length_b   69.417
_cell.length_c   107.698
_cell.angle_alpha   90.000
_cell.angle_beta   90.000
_cell.angle_gamma   90.000
#
_symmetry.space_group_name_H-M   'P 21 21 21'
#
loop_
_entity.id
_entity.type
_entity.pdbx_description
1 polymer 'Abscisic acid receptor PYR1'
2 non-polymer 'HEXAETHYLENE GLYCOL'
3 water water
#
_entity_poly.entity_id   1
_entity_poly.type   'polypeptide(L)'
_entity_poly.pdbx_seq_one_letter_code
;MDKAETSSMAEAESEDSETTTPTTHHLTIPPGLTQPEFQELAHSISEFHTYQVGPGQCSSLLAQRVHAPLPTVWSVVRRF
DKPQTYKHFIKSCHVEDGFEMRVGCLRDVNVISGLPAETSTERLDILDDERHVTGFSIIGGEHRLRNYRSVTTVHEYQNH
GGEIWTVVLESYVVDMPEGNTEEDTRLFADTVVKLNLQKLASVTEGMARDQGCF
;
_entity_poly.pdbx_strand_id   A,B
#
loop_
_chem_comp.id
_chem_comp.type
_chem_comp.name
_chem_comp.formula
P6G non-polymer 'HEXAETHYLENE GLYCOL' 'C12 H26 O7'
#
# COMPACT_ATOMS: atom_id res chain seq x y z
N THR A 19 10.64 -0.39 -32.54
CA THR A 19 9.50 -1.21 -32.94
C THR A 19 8.76 -1.66 -31.68
N THR A 20 7.44 -1.54 -31.70
CA THR A 20 6.57 -1.95 -30.62
C THR A 20 5.59 -3.02 -31.06
N THR A 21 4.97 -3.68 -30.08
CA THR A 21 3.96 -4.70 -30.32
C THR A 21 2.78 -4.45 -29.39
N PRO A 22 1.57 -4.88 -29.76
CA PRO A 22 0.38 -4.62 -28.93
C PRO A 22 0.24 -5.55 -27.75
N THR A 23 -0.23 -4.99 -26.62
CA THR A 23 -0.62 -5.84 -25.51
C THR A 23 -1.90 -6.59 -25.91
N THR A 24 -2.14 -7.72 -25.27
CA THR A 24 -3.34 -8.50 -25.55
C THR A 24 -4.07 -8.80 -24.25
N HIS A 25 -4.21 -7.78 -23.38
CA HIS A 25 -4.89 -7.96 -22.11
C HIS A 25 -6.31 -8.49 -22.26
N HIS A 26 -6.90 -8.44 -23.46
CA HIS A 26 -8.25 -8.94 -23.68
C HIS A 26 -8.29 -10.45 -23.84
N LEU A 27 -7.14 -11.12 -23.74
CA LEU A 27 -7.04 -12.56 -23.88
C LEU A 27 -6.81 -13.27 -22.53
N THR A 28 -6.84 -12.54 -21.42
CA THR A 28 -6.59 -13.04 -20.07
C THR A 28 -7.67 -12.57 -19.11
N ILE A 29 -8.28 -13.50 -18.39
CA ILE A 29 -9.25 -13.13 -17.35
C ILE A 29 -8.48 -12.43 -16.23
N PRO A 30 -8.70 -11.15 -15.98
CA PRO A 30 -7.94 -10.49 -14.90
C PRO A 30 -8.19 -11.19 -13.58
N PRO A 31 -7.17 -11.31 -12.74
CA PRO A 31 -7.33 -12.05 -11.49
C PRO A 31 -8.45 -11.49 -10.63
N GLY A 32 -9.27 -12.39 -10.09
CA GLY A 32 -10.41 -12.02 -9.28
C GLY A 32 -11.73 -11.95 -10.03
N LEU A 33 -11.71 -11.95 -11.35
CA LEU A 33 -12.93 -11.88 -12.15
C LEU A 33 -13.26 -13.28 -12.69
N THR A 34 -14.53 -13.48 -13.03
CA THR A 34 -14.98 -14.75 -13.58
C THR A 34 -15.11 -14.65 -15.09
N GLN A 35 -15.30 -15.82 -15.70
CA GLN A 35 -15.40 -15.88 -17.16
C GLN A 35 -16.60 -15.11 -17.70
N PRO A 36 -17.81 -15.20 -17.11
CA PRO A 36 -18.94 -14.39 -17.61
C PRO A 36 -18.70 -12.89 -17.53
N GLU A 37 -18.12 -12.40 -16.43
CA GLU A 37 -17.69 -11.01 -16.38
C GLU A 37 -16.75 -10.70 -17.55
N PHE A 38 -15.79 -11.58 -17.77
CA PHE A 38 -14.80 -11.41 -18.82
C PHE A 38 -15.46 -11.37 -20.20
N GLN A 39 -16.47 -12.22 -20.43
CA GLN A 39 -17.17 -12.20 -21.72
C GLN A 39 -17.67 -10.80 -22.03
N GLU A 40 -18.28 -10.16 -21.02
CA GLU A 40 -18.87 -8.85 -21.19
C GLU A 40 -17.84 -7.75 -21.27
N LEU A 41 -16.63 -7.98 -20.77
CA LEU A 41 -15.65 -6.91 -20.66
C LEU A 41 -14.52 -7.02 -21.66
N ALA A 42 -14.35 -8.18 -22.31
CA ALA A 42 -13.17 -8.35 -23.15
C ALA A 42 -13.12 -7.29 -24.24
N HIS A 43 -14.29 -6.91 -24.78
CA HIS A 43 -14.34 -5.91 -25.83
C HIS A 43 -13.82 -4.57 -25.35
N SER A 44 -14.17 -4.19 -24.10
CA SER A 44 -13.68 -2.92 -23.55
C SER A 44 -12.18 -2.95 -23.28
N ILE A 45 -11.64 -4.11 -22.87
CA ILE A 45 -10.21 -4.19 -22.65
C ILE A 45 -9.47 -3.92 -23.96
N SER A 46 -9.90 -4.56 -25.05
CA SER A 46 -9.17 -4.27 -26.29
C SER A 46 -9.49 -2.87 -26.80
N GLU A 47 -10.68 -2.32 -26.51
CA GLU A 47 -10.98 -1.00 -27.05
C GLU A 47 -10.19 0.09 -26.35
N PHE A 48 -10.07 0.02 -25.01
CA PHE A 48 -9.47 1.11 -24.25
C PHE A 48 -8.16 0.75 -23.56
N HIS A 49 -7.87 -0.53 -23.38
CA HIS A 49 -6.73 -0.98 -22.57
C HIS A 49 -5.67 -1.69 -23.41
N THR A 50 -5.47 -1.26 -24.64
CA THR A 50 -4.45 -1.79 -25.53
C THR A 50 -3.32 -0.77 -25.63
N TYR A 51 -2.10 -1.25 -25.41
CA TYR A 51 -0.92 -0.40 -25.39
C TYR A 51 0.09 -0.92 -26.41
N GLN A 52 0.96 -0.02 -26.83
CA GLN A 52 2.10 -0.38 -27.66
C GLN A 52 3.30 -0.53 -26.72
N VAL A 53 3.85 -1.74 -26.66
CA VAL A 53 4.96 -2.02 -25.76
C VAL A 53 6.20 -2.26 -26.61
N GLY A 54 7.24 -1.49 -26.33
CA GLY A 54 8.52 -1.68 -26.94
C GLY A 54 9.50 -2.23 -25.94
N PRO A 55 10.78 -2.25 -26.30
CA PRO A 55 11.81 -2.72 -25.36
C PRO A 55 11.93 -1.78 -24.16
N GLY A 56 12.09 -2.36 -22.99
CA GLY A 56 12.21 -1.52 -21.81
C GLY A 56 10.89 -0.91 -21.36
N GLN A 57 9.77 -1.47 -21.80
CA GLN A 57 8.45 -1.11 -21.30
C GLN A 57 7.71 -2.38 -20.95
N CYS A 58 6.77 -2.26 -20.02
CA CYS A 58 5.92 -3.38 -19.66
C CYS A 58 4.53 -2.85 -19.36
N SER A 59 3.56 -3.76 -19.28
CA SER A 59 2.16 -3.37 -19.20
C SER A 59 1.42 -4.39 -18.36
N SER A 60 0.29 -3.97 -17.78
CA SER A 60 -0.47 -4.88 -16.95
C SER A 60 -1.92 -4.39 -16.89
N LEU A 61 -2.84 -5.30 -16.62
CA LEU A 61 -4.24 -4.96 -16.40
C LEU A 61 -4.71 -5.54 -15.08
N LEU A 62 -5.27 -4.70 -14.20
CA LEU A 62 -5.81 -5.14 -12.92
C LEU A 62 -7.32 -4.89 -12.87
N ALA A 63 -8.03 -5.71 -12.09
CA ALA A 63 -9.47 -5.58 -11.93
C ALA A 63 -9.84 -5.55 -10.46
N GLN A 64 -10.93 -4.85 -10.15
CA GLN A 64 -11.45 -4.75 -8.80
C GLN A 64 -12.97 -4.73 -8.89
N ARG A 65 -13.59 -5.72 -8.28
CA ARG A 65 -15.03 -5.75 -8.12
C ARG A 65 -15.42 -4.80 -6.98
N VAL A 66 -16.46 -4.00 -7.20
CA VAL A 66 -16.90 -2.99 -6.21
C VAL A 66 -18.40 -3.14 -6.03
N HIS A 67 -18.84 -3.32 -4.79
CA HIS A 67 -20.25 -3.49 -4.50
C HIS A 67 -20.85 -2.13 -4.17
N ALA A 68 -20.93 -1.29 -5.19
CA ALA A 68 -21.50 0.03 -5.11
C ALA A 68 -21.98 0.39 -6.50
N PRO A 69 -22.97 1.28 -6.61
CA PRO A 69 -23.49 1.65 -7.94
C PRO A 69 -22.40 2.22 -8.84
N LEU A 70 -22.55 1.97 -10.13
CA LEU A 70 -21.56 2.48 -11.09
C LEU A 70 -21.41 3.99 -10.99
N PRO A 71 -22.46 4.80 -10.99
CA PRO A 71 -22.27 6.26 -10.87
C PRO A 71 -21.50 6.67 -9.62
N THR A 72 -21.74 6.02 -8.46
CA THR A 72 -20.95 6.33 -7.27
C THR A 72 -19.46 6.08 -7.51
N VAL A 73 -19.12 4.92 -8.09
CA VAL A 73 -17.73 4.61 -8.37
C VAL A 73 -17.16 5.58 -9.39
N TRP A 74 -17.88 5.80 -10.50
CA TRP A 74 -17.36 6.69 -11.54
C TRP A 74 -17.16 8.10 -11.00
N SER A 75 -18.08 8.56 -10.16
CA SER A 75 -17.99 9.92 -9.64
C SER A 75 -16.68 10.15 -8.89
N VAL A 76 -16.11 9.10 -8.29
CA VAL A 76 -14.80 9.20 -7.63
C VAL A 76 -13.67 9.07 -8.64
N VAL A 77 -13.73 8.03 -9.47
CA VAL A 77 -12.68 7.75 -10.45
C VAL A 77 -12.44 8.93 -11.38
N ARG A 78 -13.49 9.71 -11.69
CA ARG A 78 -13.38 10.76 -12.69
C ARG A 78 -12.73 12.04 -12.16
N ARG A 79 -12.55 12.17 -10.85
CA ARG A 79 -12.05 13.43 -10.26
C ARG A 79 -10.54 13.48 -10.41
N PHE A 80 -10.11 13.87 -11.62
CA PHE A 80 -8.70 14.01 -11.91
C PHE A 80 -8.01 14.96 -10.94
N ASP A 81 -8.75 15.92 -10.37
CA ASP A 81 -8.13 16.86 -9.44
C ASP A 81 -7.97 16.29 -8.04
N LYS A 82 -8.62 15.17 -7.71
CA LYS A 82 -8.59 14.61 -6.36
C LYS A 82 -8.18 13.14 -6.38
N PRO A 83 -6.98 12.82 -6.87
CA PRO A 83 -6.58 11.40 -6.91
C PRO A 83 -6.41 10.80 -5.52
N GLN A 84 -6.08 11.62 -4.51
CA GLN A 84 -5.90 11.17 -3.13
C GLN A 84 -7.19 10.64 -2.51
N THR A 85 -8.34 10.90 -3.13
CA THR A 85 -9.59 10.32 -2.64
C THR A 85 -9.58 8.81 -2.75
N TYR A 86 -8.84 8.25 -3.73
CA TYR A 86 -8.85 6.81 -3.88
C TYR A 86 -7.47 6.18 -4.03
N LYS A 87 -6.40 6.96 -4.02
CA LYS A 87 -5.04 6.43 -4.15
C LYS A 87 -4.23 6.63 -2.87
N HIS A 88 -3.35 5.66 -2.57
CA HIS A 88 -2.39 5.77 -1.49
C HIS A 88 -1.16 6.56 -1.97
N PHE A 89 -0.31 6.94 -1.02
CA PHE A 89 1.00 7.52 -1.32
C PHE A 89 0.94 8.90 -1.96
N ILE A 90 -0.15 9.64 -1.79
CA ILE A 90 -0.26 11.01 -2.28
C ILE A 90 -0.35 11.94 -1.08
N LYS A 91 0.64 12.83 -0.92
CA LYS A 91 0.56 13.81 0.16
C LYS A 91 -0.47 14.88 -0.14
N SER A 92 -0.48 15.37 -1.38
CA SER A 92 -1.43 16.38 -1.83
C SER A 92 -1.38 16.41 -3.34
N CYS A 93 -2.37 17.07 -3.93
CA CYS A 93 -2.43 17.22 -5.38
C CYS A 93 -2.79 18.66 -5.70
N HIS A 94 -1.94 19.35 -6.46
CA HIS A 94 -2.13 20.76 -6.77
C HIS A 94 -2.55 20.89 -8.23
N VAL A 95 -3.67 21.57 -8.47
CA VAL A 95 -4.07 21.99 -9.81
C VAL A 95 -4.01 23.53 -9.86
N GLU A 96 -4.07 24.09 -11.08
CA GLU A 96 -3.92 25.53 -11.17
C GLU A 96 -5.21 26.23 -10.71
N ASP A 97 -5.16 27.54 -10.54
CA ASP A 97 -6.30 28.19 -9.89
C ASP A 97 -7.59 27.98 -10.68
N GLY A 98 -7.67 28.50 -11.89
CA GLY A 98 -8.87 28.28 -12.68
C GLY A 98 -8.85 26.93 -13.37
N PHE A 99 -8.87 25.85 -12.58
CA PHE A 99 -8.60 24.52 -13.11
C PHE A 99 -9.82 24.01 -13.85
N GLU A 100 -9.61 23.58 -15.08
CA GLU A 100 -10.66 22.98 -15.87
C GLU A 100 -10.32 21.53 -16.15
N MET A 101 -11.21 20.62 -15.76
CA MET A 101 -11.05 19.20 -16.01
C MET A 101 -11.43 18.89 -17.45
N ARG A 102 -10.48 19.12 -18.36
CA ARG A 102 -10.65 18.77 -19.75
C ARG A 102 -9.36 18.13 -20.25
N VAL A 103 -9.47 17.27 -21.26
CA VAL A 103 -8.30 16.57 -21.79
C VAL A 103 -7.18 17.56 -22.00
N GLY A 104 -6.00 17.21 -21.50
CA GLY A 104 -4.85 18.08 -21.55
C GLY A 104 -4.54 18.80 -20.24
N CYS A 105 -5.51 18.90 -19.33
CA CYS A 105 -5.23 19.57 -18.07
C CYS A 105 -4.15 18.81 -17.28
N LEU A 106 -3.42 19.55 -16.46
CA LEU A 106 -2.28 19.06 -15.67
C LEU A 106 -2.61 19.03 -14.18
N ARG A 107 -2.05 18.05 -13.47
CA ARG A 107 -2.07 18.00 -12.01
C ARG A 107 -0.67 17.67 -11.52
N ASP A 108 -0.31 18.24 -10.36
CA ASP A 108 0.98 17.98 -9.71
C ASP A 108 0.75 17.17 -8.43
N VAL A 109 1.18 15.92 -8.44
CA VAL A 109 0.95 15.02 -7.32
C VAL A 109 2.25 14.96 -6.54
N ASN A 110 2.19 15.41 -5.30
CA ASN A 110 3.33 15.31 -4.40
C ASN A 110 3.24 13.93 -3.76
N VAL A 111 4.23 13.09 -4.05
CA VAL A 111 4.17 11.66 -3.69
C VAL A 111 4.89 11.40 -2.37
N ILE A 112 4.30 10.52 -1.56
CA ILE A 112 4.91 10.06 -0.31
C ILE A 112 5.90 8.96 -0.66
N SER A 113 7.19 9.30 -0.72
CA SER A 113 8.22 8.33 -1.14
C SER A 113 9.35 8.10 -0.15
N GLY A 114 9.56 8.98 0.83
CA GLY A 114 10.79 8.90 1.57
C GLY A 114 11.95 9.56 0.87
N LEU A 115 11.83 9.81 -0.43
CA LEU A 115 12.76 10.67 -1.11
C LEU A 115 12.29 12.09 -0.91
N PRO A 116 13.17 13.07 -1.06
CA PRO A 116 12.77 14.47 -0.83
C PRO A 116 12.03 15.07 -2.02
N ALA A 117 10.92 15.74 -1.73
CA ALA A 117 10.09 16.49 -2.67
C ALA A 117 9.98 15.84 -4.05
N GLU A 118 9.37 14.65 -4.09
CA GLU A 118 9.06 14.03 -5.36
C GLU A 118 7.69 14.53 -5.78
N THR A 119 7.60 15.08 -6.97
CA THR A 119 6.30 15.52 -7.48
C THR A 119 6.15 15.02 -8.90
N SER A 120 5.00 14.41 -9.16
CA SER A 120 4.65 13.85 -10.45
C SER A 120 3.69 14.80 -11.16
N THR A 121 4.13 15.35 -12.31
CA THR A 121 3.25 16.12 -13.18
C THR A 121 2.56 15.17 -14.14
N GLU A 122 1.24 15.13 -14.07
CA GLU A 122 0.44 14.16 -14.82
C GLU A 122 -0.56 14.89 -15.71
N ARG A 123 -0.82 14.30 -16.87
CA ARG A 123 -1.68 14.92 -17.88
C ARG A 123 -2.92 14.06 -18.09
N LEU A 124 -4.09 14.70 -18.09
CA LEU A 124 -5.34 13.99 -18.37
C LEU A 124 -5.39 13.63 -19.86
N ASP A 125 -5.45 12.34 -20.18
CA ASP A 125 -5.44 11.87 -21.56
C ASP A 125 -6.84 11.63 -22.12
N ILE A 126 -7.78 11.24 -21.26
CA ILE A 126 -9.11 10.79 -21.69
C ILE A 126 -10.10 11.10 -20.58
N LEU A 127 -11.30 11.55 -20.96
CA LEU A 127 -12.40 11.67 -19.99
C LEU A 127 -13.72 11.54 -20.75
N ASP A 128 -14.40 10.41 -20.57
CA ASP A 128 -15.65 10.12 -21.27
C ASP A 128 -16.70 9.79 -20.21
N ASP A 129 -17.57 10.75 -19.91
CA ASP A 129 -18.56 10.50 -18.88
C ASP A 129 -19.72 9.63 -19.36
N GLU A 130 -19.81 9.37 -20.67
CA GLU A 130 -20.84 8.47 -21.18
C GLU A 130 -20.37 7.01 -21.13
N ARG A 131 -19.11 6.76 -21.45
CA ARG A 131 -18.57 5.41 -21.48
C ARG A 131 -17.75 5.06 -20.24
N HIS A 132 -17.54 6.02 -19.34
CA HIS A 132 -16.85 5.81 -18.06
C HIS A 132 -15.41 5.35 -18.26
N VAL A 133 -14.67 6.17 -18.99
CA VAL A 133 -13.28 5.92 -19.33
C VAL A 133 -12.53 7.19 -18.97
N THR A 134 -11.41 7.05 -18.27
CA THR A 134 -10.50 8.15 -18.02
C THR A 134 -9.10 7.57 -18.11
N GLY A 135 -8.11 8.43 -18.24
CA GLY A 135 -6.75 7.96 -18.40
C GLY A 135 -5.81 9.13 -18.31
N PHE A 136 -4.57 8.85 -17.98
CA PHE A 136 -3.58 9.91 -17.80
C PHE A 136 -2.22 9.34 -18.11
N SER A 137 -1.26 10.24 -18.28
CA SER A 137 0.15 9.86 -18.36
C SER A 137 0.99 10.84 -17.55
N ILE A 138 2.07 10.30 -17.00
CA ILE A 138 3.04 11.04 -16.19
C ILE A 138 4.04 11.67 -17.14
N ILE A 139 4.14 13.00 -17.15
CA ILE A 139 5.05 13.61 -18.11
C ILE A 139 6.37 14.05 -17.47
N GLY A 140 6.47 14.02 -16.15
CA GLY A 140 7.75 14.24 -15.49
C GLY A 140 7.62 14.04 -13.99
N GLY A 141 8.76 13.75 -13.35
CA GLY A 141 8.86 13.84 -11.90
C GLY A 141 8.71 12.56 -11.09
N GLU A 142 8.31 11.43 -11.67
CA GLU A 142 8.19 10.18 -10.93
C GLU A 142 9.37 9.31 -11.35
N HIS A 143 10.27 9.03 -10.40
CA HIS A 143 11.49 8.29 -10.74
C HIS A 143 11.23 6.80 -10.93
N ARG A 144 10.22 6.27 -10.26
CA ARG A 144 9.91 4.86 -10.36
C ARG A 144 9.08 4.58 -11.61
N LEU A 145 8.07 5.41 -11.88
CA LEU A 145 7.15 5.21 -12.99
C LEU A 145 7.43 6.17 -14.16
N ARG A 146 8.53 5.97 -14.88
CA ARG A 146 8.80 6.92 -15.97
C ARG A 146 7.96 6.57 -17.19
N ASN A 147 7.42 7.61 -17.85
CA ASN A 147 6.57 7.47 -19.03
C ASN A 147 5.38 6.57 -18.76
N TYR A 148 4.90 6.63 -17.53
CA TYR A 148 3.68 5.91 -17.12
C TYR A 148 2.49 6.45 -17.87
N ARG A 149 1.68 5.55 -18.43
CA ARG A 149 0.42 5.96 -19.00
C ARG A 149 -0.62 4.95 -18.56
N SER A 150 -1.78 5.41 -18.10
CA SER A 150 -2.73 4.52 -17.49
C SER A 150 -4.14 4.81 -17.95
N VAL A 151 -4.98 3.79 -17.90
CA VAL A 151 -6.38 3.90 -18.31
C VAL A 151 -7.24 3.15 -17.32
N THR A 152 -8.36 3.78 -16.92
CA THR A 152 -9.34 3.17 -16.03
C THR A 152 -10.70 3.19 -16.71
N THR A 153 -11.37 2.04 -16.71
CA THR A 153 -12.76 1.97 -17.14
C THR A 153 -13.56 1.36 -16.00
N VAL A 154 -14.83 1.74 -15.89
CA VAL A 154 -15.76 1.31 -14.85
C VAL A 154 -16.98 0.71 -15.55
N HIS A 155 -17.42 -0.45 -15.08
CA HIS A 155 -18.44 -1.21 -15.77
C HIS A 155 -19.43 -1.76 -14.76
N GLU A 156 -20.65 -2.02 -15.23
CA GLU A 156 -21.70 -2.63 -14.43
C GLU A 156 -21.87 -4.09 -14.82
N TYR A 157 -22.27 -4.92 -13.86
CA TYR A 157 -22.47 -6.34 -14.12
C TYR A 157 -23.62 -6.88 -13.27
N GLN A 158 -24.35 -7.86 -13.83
CA GLN A 158 -25.49 -8.47 -13.13
C GLN A 158 -25.45 -9.99 -13.32
N ASN A 159 -25.59 -10.73 -12.22
CA ASN A 159 -25.53 -12.19 -12.25
C ASN A 159 -26.51 -12.79 -11.24
N HIS A 160 -27.51 -13.50 -11.73
CA HIS A 160 -28.59 -14.06 -10.92
C HIS A 160 -29.38 -12.95 -10.23
N GLY A 162 -29.36 -11.74 -10.79
CA GLY A 162 -30.00 -10.58 -10.23
C GLY A 162 -29.07 -9.63 -9.50
N GLU A 163 -28.00 -10.15 -8.90
CA GLU A 163 -27.11 -9.33 -8.07
C GLU A 163 -26.23 -8.46 -8.97
N ILE A 164 -26.13 -7.18 -8.64
CA ILE A 164 -25.42 -6.20 -9.47
C ILE A 164 -24.24 -5.62 -8.70
N TRP A 165 -23.10 -5.53 -9.38
CA TRP A 165 -21.94 -4.86 -8.80
C TRP A 165 -21.17 -4.16 -9.91
N THR A 166 -20.15 -3.43 -9.52
CA THR A 166 -19.35 -2.66 -10.45
C THR A 166 -18.00 -3.35 -10.60
N VAL A 167 -17.43 -3.27 -11.79
CA VAL A 167 -16.09 -3.77 -12.05
C VAL A 167 -15.25 -2.60 -12.54
N VAL A 168 -14.11 -2.40 -11.89
CA VAL A 168 -13.16 -1.37 -12.30
C VAL A 168 -11.97 -2.06 -12.91
N LEU A 169 -11.56 -1.62 -14.09
CA LEU A 169 -10.38 -2.13 -14.76
C LEU A 169 -9.36 -1.00 -14.82
N GLU A 170 -8.16 -1.23 -14.30
CA GLU A 170 -7.07 -0.27 -14.45
C GLU A 170 -5.87 -0.97 -15.07
N SER A 171 -5.30 -0.37 -16.10
CA SER A 171 -4.13 -0.90 -16.79
C SER A 171 -3.11 0.22 -16.89
N TYR A 172 -1.89 -0.14 -17.27
CA TYR A 172 -0.83 0.83 -17.46
C TYR A 172 0.20 0.27 -18.43
N VAL A 173 1.05 1.17 -18.90
CA VAL A 173 2.31 0.85 -19.55
C VAL A 173 3.35 1.73 -18.87
N VAL A 174 4.56 1.21 -18.73
CA VAL A 174 5.61 1.95 -18.04
C VAL A 174 6.97 1.49 -18.56
N ASP A 175 7.94 2.41 -18.49
CA ASP A 175 9.32 2.09 -18.80
C ASP A 175 9.97 1.38 -17.61
N MET A 176 10.62 0.27 -17.86
CA MET A 176 11.35 -0.33 -16.76
C MET A 176 12.63 0.46 -16.54
N PRO A 177 12.91 0.89 -15.33
CA PRO A 177 14.18 1.60 -15.10
C PRO A 177 15.35 0.71 -15.51
N GLU A 178 16.41 1.34 -15.99
CA GLU A 178 17.59 0.58 -16.39
C GLU A 178 18.16 -0.16 -15.21
N GLY A 179 18.31 -1.47 -15.38
CA GLY A 179 18.74 -2.34 -14.32
C GLY A 179 17.62 -3.03 -13.60
N ASN A 180 16.39 -2.91 -14.09
CA ASN A 180 15.26 -3.63 -13.56
C ASN A 180 14.74 -4.61 -14.60
N THR A 181 14.22 -5.70 -14.10
CA THR A 181 13.55 -6.67 -14.95
C THR A 181 12.12 -6.24 -15.13
N GLU A 182 11.47 -6.79 -16.15
CA GLU A 182 10.04 -6.55 -16.28
C GLU A 182 9.29 -7.11 -15.07
N GLU A 183 9.72 -8.27 -14.57
CA GLU A 183 9.01 -8.89 -13.45
C GLU A 183 8.96 -7.96 -12.25
N ASP A 184 10.08 -7.30 -11.95
CA ASP A 184 10.17 -6.46 -10.75
C ASP A 184 9.43 -5.16 -10.96
N THR A 185 9.52 -4.59 -12.15
CA THR A 185 8.77 -3.37 -12.44
C THR A 185 7.26 -3.64 -12.41
N ARG A 186 6.79 -4.73 -13.02
CA ARG A 186 5.35 -4.99 -12.91
C ARG A 186 4.94 -5.29 -11.46
N LEU A 187 5.81 -5.93 -10.69
CA LEU A 187 5.47 -6.24 -9.30
C LEU A 187 5.22 -4.96 -8.53
N PHE A 188 6.09 -3.96 -8.73
CA PHE A 188 5.90 -2.70 -8.02
C PHE A 188 4.61 -2.03 -8.47
N ALA A 189 4.46 -1.80 -9.77
CA ALA A 189 3.31 -1.07 -10.30
C ALA A 189 2.01 -1.81 -10.04
N ASP A 190 1.98 -3.13 -10.26
CA ASP A 190 0.80 -3.90 -9.92
C ASP A 190 0.41 -3.74 -8.45
N THR A 191 1.39 -3.75 -7.56
CA THR A 191 1.06 -3.65 -6.13
C THR A 191 0.41 -2.31 -5.83
N VAL A 192 0.94 -1.23 -6.39
CA VAL A 192 0.37 0.09 -6.13
C VAL A 192 -1.04 0.17 -6.69
N VAL A 193 -1.22 -0.30 -7.94
CA VAL A 193 -2.54 -0.27 -8.55
C VAL A 193 -3.53 -1.09 -7.73
N LYS A 194 -3.15 -2.30 -7.33
CA LYS A 194 -4.11 -3.15 -6.63
C LYS A 194 -4.49 -2.55 -5.27
N LEU A 195 -3.52 -1.93 -4.58
CA LEU A 195 -3.84 -1.29 -3.30
C LEU A 195 -4.71 -0.07 -3.50
N ASN A 196 -4.46 0.69 -4.58
CA ASN A 196 -5.34 1.82 -4.87
C ASN A 196 -6.75 1.34 -5.18
N LEU A 197 -6.88 0.27 -5.95
CA LEU A 197 -8.21 -0.25 -6.25
C LEU A 197 -8.89 -0.75 -4.98
N GLN A 198 -8.12 -1.33 -4.06
CA GLN A 198 -8.69 -1.69 -2.77
C GLN A 198 -9.26 -0.46 -2.08
N LYS A 199 -8.49 0.63 -2.02
CA LYS A 199 -9.00 1.85 -1.38
C LYS A 199 -10.24 2.37 -2.11
N LEU A 200 -10.21 2.38 -3.45
CA LEU A 200 -11.38 2.85 -4.21
C LEU A 200 -12.62 2.10 -3.78
N ALA A 201 -12.52 0.77 -3.68
CA ALA A 201 -13.65 -0.06 -3.27
C ALA A 201 -14.13 0.28 -1.86
N SER A 202 -13.20 0.43 -0.91
CA SER A 202 -13.60 0.77 0.46
C SER A 202 -14.30 2.13 0.50
N VAL A 203 -13.69 3.12 -0.16
CA VAL A 203 -14.25 4.46 -0.16
C VAL A 203 -15.65 4.46 -0.73
N THR A 204 -15.84 3.80 -1.89
CA THR A 204 -17.13 3.91 -2.55
C THR A 204 -18.18 3.00 -1.93
N GLU A 205 -17.80 1.83 -1.43
CA GLU A 205 -18.77 0.99 -0.73
C GLU A 205 -19.24 1.65 0.55
N GLY A 206 -18.42 2.49 1.16
CA GLY A 206 -18.83 3.26 2.32
C GLY A 206 -19.78 4.40 1.98
N MET A 207 -19.53 5.08 0.85
CA MET A 207 -20.47 6.11 0.40
C MET A 207 -21.83 5.52 0.07
N ALA A 208 -21.87 4.28 -0.43
CA ALA A 208 -23.15 3.70 -0.80
C ALA A 208 -23.89 3.16 0.43
N ARG A 209 -23.18 2.68 1.45
CA ARG A 209 -23.88 2.26 2.67
C ARG A 209 -24.49 3.46 3.38
N ASP A 210 -23.85 4.62 3.26
CA ASP A 210 -24.44 5.90 3.67
C ASP A 210 -25.41 6.37 2.57
N GLN A 211 -26.48 5.60 2.40
CA GLN A 211 -27.48 5.88 1.39
C GLN A 211 -28.67 4.94 1.45
N THR B 19 17.21 17.89 23.70
CA THR B 19 17.06 17.57 22.29
C THR B 19 17.05 16.04 22.03
N THR B 20 17.52 15.18 22.96
CA THR B 20 17.27 13.74 22.83
C THR B 20 16.39 13.36 24.00
N THR B 21 15.18 12.89 23.70
CA THR B 21 14.16 12.61 24.70
C THR B 21 13.40 11.35 24.32
N PRO B 22 12.73 10.72 25.29
CA PRO B 22 11.94 9.53 24.97
C PRO B 22 10.68 9.90 24.21
N THR B 23 10.25 9.00 23.34
CA THR B 23 9.00 9.18 22.63
C THR B 23 7.83 9.22 23.61
N THR B 24 6.70 9.75 23.16
CA THR B 24 5.51 9.86 23.98
C THR B 24 4.31 9.17 23.34
N HIS B 25 4.56 8.03 22.68
CA HIS B 25 3.49 7.29 22.07
C HIS B 25 2.45 6.81 23.07
N HIS B 26 2.81 6.72 24.35
CA HIS B 26 1.83 6.29 25.34
C HIS B 26 0.91 7.42 25.80
N LEU B 27 1.12 8.66 25.32
CA LEU B 27 0.34 9.81 25.74
C LEU B 27 -0.61 10.34 24.66
N THR B 28 -0.69 9.70 23.50
CA THR B 28 -1.51 10.18 22.40
C THR B 28 -2.28 9.00 21.83
N ILE B 29 -3.59 9.18 21.64
CA ILE B 29 -4.36 8.08 21.07
C ILE B 29 -3.87 7.87 19.63
N PRO B 30 -3.25 6.73 19.33
CA PRO B 30 -2.80 6.48 17.96
C PRO B 30 -3.99 6.37 17.02
N PRO B 31 -3.83 6.76 15.77
CA PRO B 31 -4.89 6.51 14.78
C PRO B 31 -5.12 5.01 14.67
N GLY B 32 -6.39 4.61 14.67
CA GLY B 32 -6.76 3.21 14.66
C GLY B 32 -7.20 2.64 15.99
N LEU B 33 -6.99 3.36 17.09
CA LEU B 33 -7.49 2.98 18.40
C LEU B 33 -8.63 3.88 18.84
N THR B 34 -9.47 3.33 19.71
CA THR B 34 -10.49 4.07 20.41
C THR B 34 -9.97 4.46 21.79
N GLN B 35 -10.73 5.29 22.48
CA GLN B 35 -10.31 5.74 23.81
C GLN B 35 -10.17 4.60 24.81
N PRO B 36 -11.14 3.70 24.97
CA PRO B 36 -10.96 2.61 25.94
C PRO B 36 -9.81 1.66 25.58
N GLU B 37 -9.68 1.30 24.30
CA GLU B 37 -8.54 0.48 23.88
C GLU B 37 -7.23 1.13 24.30
N PHE B 38 -7.08 2.42 24.00
CA PHE B 38 -5.83 3.10 24.32
C PHE B 38 -5.57 3.12 25.82
N GLN B 39 -6.59 3.40 26.64
CA GLN B 39 -6.37 3.39 28.08
C GLN B 39 -5.82 2.05 28.55
N GLU B 40 -6.41 0.96 28.07
CA GLU B 40 -5.97 -0.35 28.56
C GLU B 40 -4.60 -0.73 28.03
N LEU B 41 -4.13 -0.07 26.98
CA LEU B 41 -2.87 -0.44 26.35
C LEU B 41 -1.72 0.52 26.65
N ALA B 42 -1.97 1.68 27.24
CA ALA B 42 -0.91 2.68 27.38
C ALA B 42 0.28 2.17 28.19
N HIS B 43 0.05 1.34 29.21
CA HIS B 43 1.19 0.79 29.94
C HIS B 43 2.03 -0.11 29.04
N SER B 44 1.41 -0.90 28.17
CA SER B 44 2.22 -1.69 27.25
C SER B 44 2.94 -0.80 26.23
N ILE B 45 2.30 0.28 25.78
CA ILE B 45 2.98 1.21 24.89
C ILE B 45 4.22 1.77 25.56
N SER B 46 4.12 2.18 26.83
CA SER B 46 5.32 2.69 27.48
C SER B 46 6.32 1.57 27.76
N GLU B 47 5.85 0.34 27.96
CA GLU B 47 6.78 -0.74 28.28
C GLU B 47 7.60 -1.21 27.07
N PHE B 48 6.97 -1.30 25.88
CA PHE B 48 7.59 -1.91 24.70
C PHE B 48 7.81 -0.98 23.52
N HIS B 49 7.11 0.14 23.45
CA HIS B 49 7.10 1.04 22.29
C HIS B 49 7.67 2.40 22.65
N THR B 50 8.72 2.43 23.47
CA THR B 50 9.41 3.66 23.83
C THR B 50 10.76 3.69 23.13
N TYR B 51 11.09 4.83 22.53
CA TYR B 51 12.35 5.02 21.83
C TYR B 51 12.99 6.30 22.33
N GLN B 52 14.27 6.43 22.10
CA GLN B 52 14.97 7.69 22.33
C GLN B 52 15.05 8.41 20.99
N VAL B 53 14.47 9.60 20.91
CA VAL B 53 14.48 10.36 19.67
C VAL B 53 15.36 11.57 19.87
N GLY B 54 16.40 11.69 19.06
CA GLY B 54 17.23 12.86 19.05
C GLY B 54 16.99 13.66 17.79
N PRO B 55 17.84 14.66 17.56
CA PRO B 55 17.75 15.42 16.31
C PRO B 55 18.10 14.51 15.14
N GLY B 56 17.35 14.66 14.05
CA GLY B 56 17.57 13.79 12.92
C GLY B 56 17.00 12.40 13.08
N GLN B 57 16.08 12.20 14.02
CA GLN B 57 15.37 10.94 14.16
C GLN B 57 13.89 11.21 14.31
N CYS B 58 13.07 10.23 13.92
CA CYS B 58 11.64 10.31 14.18
C CYS B 58 11.13 8.91 14.51
N SER B 59 9.94 8.86 15.07
CA SER B 59 9.38 7.63 15.60
C SER B 59 7.87 7.73 15.48
N SER B 60 7.20 6.58 15.45
CA SER B 60 5.76 6.62 15.32
C SER B 60 5.17 5.34 15.89
N LEU B 61 3.89 5.39 16.27
CA LEU B 61 3.12 4.23 16.69
C LEU B 61 1.87 4.10 15.82
N LEU B 62 1.64 2.90 15.29
CA LEU B 62 0.43 2.61 14.53
C LEU B 62 -0.33 1.47 15.20
N ALA B 63 -1.65 1.47 15.04
CA ALA B 63 -2.49 0.45 15.67
C ALA B 63 -3.45 -0.13 14.65
N GLN B 64 -3.80 -1.40 14.85
CA GLN B 64 -4.74 -2.08 13.97
C GLN B 64 -5.59 -3.05 14.77
N ARG B 65 -6.92 -2.90 14.67
CA ARG B 65 -7.86 -3.87 15.22
C ARG B 65 -7.98 -5.07 14.28
N VAL B 66 -7.92 -6.28 14.85
CA VAL B 66 -7.96 -7.52 14.09
C VAL B 66 -8.99 -8.45 14.73
N HIS B 67 -9.97 -8.88 13.92
CA HIS B 67 -11.04 -9.75 14.42
C HIS B 67 -10.64 -11.20 14.17
N ALA B 68 -9.63 -11.62 14.92
CA ALA B 68 -9.12 -12.99 14.88
C ALA B 68 -8.49 -13.26 16.24
N PRO B 69 -8.44 -14.53 16.66
CA PRO B 69 -7.86 -14.84 17.97
C PRO B 69 -6.41 -14.41 18.05
N LEU B 70 -6.01 -13.97 19.23
CA LEU B 70 -4.65 -13.48 19.42
C LEU B 70 -3.60 -14.50 18.98
N PRO B 71 -3.70 -15.79 19.31
CA PRO B 71 -2.71 -16.75 18.78
C PRO B 71 -2.66 -16.75 17.27
N THR B 72 -3.81 -16.75 16.58
CA THR B 72 -3.79 -16.71 15.13
C THR B 72 -3.01 -15.49 14.63
N VAL B 73 -3.31 -14.32 15.21
CA VAL B 73 -2.64 -13.08 14.81
C VAL B 73 -1.16 -13.15 15.16
N TRP B 74 -0.85 -13.62 16.36
CA TRP B 74 0.56 -13.76 16.76
C TRP B 74 1.28 -14.77 15.87
N SER B 75 0.60 -15.83 15.44
CA SER B 75 1.25 -16.85 14.62
C SER B 75 1.86 -16.26 13.36
N VAL B 76 1.25 -15.22 12.80
CA VAL B 76 1.81 -14.55 11.62
C VAL B 76 2.86 -13.54 12.04
N VAL B 77 2.54 -12.70 13.02
CA VAL B 77 3.44 -11.62 13.43
C VAL B 77 4.82 -12.16 13.82
N ARG B 78 4.86 -13.36 14.41
CA ARG B 78 6.12 -13.94 14.89
C ARG B 78 6.96 -14.63 13.81
N ARG B 79 6.45 -14.82 12.59
CA ARG B 79 7.20 -15.56 11.56
C ARG B 79 8.28 -14.64 10.97
N PHE B 80 9.39 -14.53 11.69
CA PHE B 80 10.51 -13.69 11.25
C PHE B 80 11.02 -14.08 9.87
N ASP B 81 10.88 -15.35 9.48
CA ASP B 81 11.36 -15.78 8.17
C ASP B 81 10.38 -15.48 7.03
N LYS B 82 9.13 -15.12 7.33
CA LYS B 82 8.10 -14.89 6.32
C LYS B 82 7.39 -13.57 6.56
N PRO B 83 8.10 -12.44 6.48
CA PRO B 83 7.41 -11.17 6.62
C PRO B 83 6.45 -10.93 5.47
N GLN B 84 6.70 -11.50 4.29
CA GLN B 84 5.78 -11.29 3.18
C GLN B 84 4.39 -11.85 3.44
N THR B 85 4.21 -12.65 4.50
CA THR B 85 2.86 -13.11 4.84
C THR B 85 1.93 -11.95 5.19
N TYR B 86 2.47 -10.83 5.68
CA TYR B 86 1.63 -9.69 6.01
C TYR B 86 2.16 -8.33 5.53
N LYS B 87 3.32 -8.28 4.88
CA LYS B 87 3.84 -7.01 4.40
C LYS B 87 3.74 -6.95 2.87
N HIS B 88 3.47 -5.76 2.35
CA HIS B 88 3.52 -5.57 0.91
C HIS B 88 4.95 -5.26 0.49
N PHE B 89 5.19 -5.33 -0.81
CA PHE B 89 6.46 -4.90 -1.38
C PHE B 89 7.62 -5.81 -0.99
N ILE B 90 7.36 -7.08 -0.70
CA ILE B 90 8.41 -8.06 -0.43
C ILE B 90 8.44 -9.07 -1.57
N LYS B 91 9.56 -9.12 -2.30
CA LYS B 91 9.78 -10.10 -3.36
C LYS B 91 10.11 -11.48 -2.78
N SER B 92 10.99 -11.52 -1.79
CA SER B 92 11.37 -12.78 -1.17
C SER B 92 12.07 -12.48 0.15
N CYS B 93 12.15 -13.51 0.99
CA CYS B 93 12.84 -13.46 2.28
C CYS B 93 13.56 -14.78 2.53
N HIS B 94 14.88 -14.72 2.74
CA HIS B 94 15.68 -15.91 3.01
C HIS B 94 16.33 -15.85 4.40
N VAL B 95 16.20 -16.92 5.15
CA VAL B 95 16.92 -17.07 6.39
C VAL B 95 18.06 -18.05 6.17
N GLU B 96 19.01 -18.04 7.10
CA GLU B 96 20.28 -18.73 6.97
C GLU B 96 20.15 -20.23 7.24
N ASP B 97 21.24 -20.94 6.96
CA ASP B 97 21.23 -22.39 6.95
C ASP B 97 20.86 -22.95 8.31
N GLY B 98 21.69 -22.69 9.31
CA GLY B 98 21.33 -23.12 10.65
C GLY B 98 20.37 -22.12 11.25
N PHE B 99 19.18 -22.03 10.65
CA PHE B 99 18.21 -21.02 11.03
C PHE B 99 17.37 -21.53 12.19
N GLU B 100 17.48 -20.85 13.31
CA GLU B 100 16.55 -20.99 14.40
C GLU B 100 16.03 -19.61 14.69
N MET B 101 14.71 -19.47 14.75
CA MET B 101 14.12 -18.17 14.99
C MET B 101 14.50 -17.77 16.40
N ARG B 102 15.70 -17.21 16.53
CA ARG B 102 16.22 -16.81 17.82
C ARG B 102 16.84 -15.42 17.69
N VAL B 103 16.80 -14.67 18.79
CA VAL B 103 17.32 -13.31 18.79
C VAL B 103 18.70 -13.28 18.18
N GLY B 104 18.90 -12.36 17.24
CA GLY B 104 20.16 -12.21 16.55
C GLY B 104 20.20 -12.79 15.15
N CYS B 105 19.32 -13.74 14.83
CA CYS B 105 19.32 -14.27 13.47
C CYS B 105 19.03 -13.16 12.48
N LEU B 106 19.60 -13.31 11.28
CA LEU B 106 19.50 -12.33 10.21
C LEU B 106 18.59 -12.84 9.10
N ARG B 107 17.89 -11.90 8.45
CA ARG B 107 17.10 -12.21 7.27
C ARG B 107 17.43 -11.23 6.15
N ASP B 108 17.43 -11.72 4.92
CA ASP B 108 17.68 -10.90 3.74
C ASP B 108 16.34 -10.76 3.04
N VAL B 109 15.82 -9.53 3.04
CA VAL B 109 14.54 -9.20 2.44
C VAL B 109 14.82 -8.44 1.15
N ASN B 110 14.39 -8.97 0.01
CA ASN B 110 14.42 -8.22 -1.24
C ASN B 110 13.11 -7.46 -1.36
N VAL B 111 13.18 -6.13 -1.30
CA VAL B 111 11.98 -5.31 -1.28
C VAL B 111 11.71 -4.79 -2.68
N ILE B 112 10.43 -4.77 -3.06
CA ILE B 112 9.95 -4.25 -4.33
C ILE B 112 9.79 -2.74 -4.17
N SER B 113 10.72 -1.95 -4.73
CA SER B 113 10.72 -0.50 -4.53
C SER B 113 10.42 0.28 -5.79
N GLY B 114 10.40 -0.38 -6.94
CA GLY B 114 10.31 0.29 -8.22
C GLY B 114 11.62 0.80 -8.77
N LEU B 115 12.59 1.03 -7.93
CA LEU B 115 13.99 1.24 -8.23
C LEU B 115 14.77 -0.05 -7.99
N PRO B 116 15.97 -0.20 -8.54
CA PRO B 116 16.75 -1.41 -8.26
C PRO B 116 17.33 -1.22 -6.87
N ALA B 117 17.12 -2.22 -6.00
CA ALA B 117 17.50 -2.05 -4.61
C ALA B 117 18.40 -3.18 -4.13
N GLU B 118 19.05 -2.90 -3.00
CA GLU B 118 19.86 -3.90 -2.32
C GLU B 118 18.99 -4.64 -1.32
N THR B 119 19.21 -5.95 -1.24
CA THR B 119 18.59 -6.74 -0.20
C THR B 119 18.71 -6.03 1.16
N SER B 120 17.64 -6.10 1.94
CA SER B 120 17.59 -5.50 3.27
C SER B 120 17.93 -6.57 4.31
N THR B 121 19.07 -6.40 5.01
CA THR B 121 19.47 -7.33 6.06
C THR B 121 18.89 -6.90 7.41
N GLU B 122 18.05 -7.75 8.00
CA GLU B 122 17.34 -7.44 9.22
C GLU B 122 17.62 -8.48 10.31
N ARG B 123 17.65 -8.01 11.55
CA ARG B 123 18.04 -8.79 12.72
C ARG B 123 16.87 -8.96 13.66
N LEU B 124 16.62 -10.18 14.10
CA LEU B 124 15.58 -10.38 15.08
C LEU B 124 16.09 -9.87 16.44
N ASP B 125 15.42 -8.85 16.96
CA ASP B 125 15.84 -8.19 18.20
C ASP B 125 15.14 -8.76 19.43
N ILE B 126 13.92 -9.24 19.28
CA ILE B 126 13.10 -9.69 20.41
C ILE B 126 12.14 -10.74 19.88
N LEU B 127 11.90 -11.78 20.67
CA LEU B 127 10.85 -12.74 20.33
C LEU B 127 10.37 -13.35 21.64
N ASP B 128 9.19 -12.94 22.10
CA ASP B 128 8.63 -13.37 23.38
C ASP B 128 7.28 -14.03 23.12
N ASP B 129 7.22 -15.35 23.18
CA ASP B 129 6.00 -16.08 22.87
C ASP B 129 4.98 -16.07 23.99
N GLU B 130 5.36 -15.59 25.17
CA GLU B 130 4.47 -15.46 26.31
C GLU B 130 3.84 -14.08 26.39
N ARG B 131 4.60 -13.04 26.08
CA ARG B 131 4.10 -11.69 26.09
C ARG B 131 3.76 -11.16 24.71
N HIS B 132 4.01 -11.93 23.64
CA HIS B 132 3.63 -11.59 22.26
C HIS B 132 4.26 -10.27 21.84
N VAL B 133 5.58 -10.25 21.89
CA VAL B 133 6.38 -9.08 21.51
C VAL B 133 7.44 -9.58 20.55
N THR B 134 7.63 -8.87 19.46
CA THR B 134 8.75 -9.15 18.58
C THR B 134 9.28 -7.82 18.09
N GLY B 135 10.46 -7.86 17.51
CA GLY B 135 11.06 -6.62 17.07
C GLY B 135 12.25 -6.93 16.20
N PHE B 136 12.61 -5.96 15.38
CA PHE B 136 13.72 -6.18 14.47
C PHE B 136 14.42 -4.85 14.23
N SER B 137 15.63 -4.93 13.72
CA SER B 137 16.30 -3.74 13.24
C SER B 137 16.95 -4.03 11.90
N ILE B 138 16.94 -3.01 11.04
CA ILE B 138 17.57 -3.09 9.75
C ILE B 138 19.04 -2.70 9.92
N ILE B 139 19.93 -3.66 9.65
CA ILE B 139 21.36 -3.48 9.81
C ILE B 139 22.10 -3.40 8.49
N GLY B 140 21.42 -3.62 7.37
CA GLY B 140 22.06 -3.48 6.06
C GLY B 140 21.03 -3.40 4.97
N GLY B 141 21.44 -2.79 3.86
CA GLY B 141 20.55 -2.65 2.72
C GLY B 141 19.98 -1.26 2.60
N GLU B 142 18.83 -0.97 3.22
CA GLU B 142 18.21 0.34 3.05
C GLU B 142 19.15 1.49 3.42
N HIS B 143 19.49 2.31 2.41
CA HIS B 143 20.40 3.44 2.56
C HIS B 143 19.73 4.74 3.03
N ARG B 144 18.47 4.99 2.66
CA ARG B 144 17.85 6.28 3.04
C ARG B 144 17.26 6.26 4.44
N LEU B 145 16.51 5.22 4.78
CA LEU B 145 15.91 5.12 6.12
C LEU B 145 16.87 4.26 6.94
N ARG B 146 17.94 4.91 7.37
CA ARG B 146 19.02 4.26 8.09
C ARG B 146 18.68 4.05 9.57
N ASN B 147 19.19 2.95 10.11
CA ASN B 147 19.00 2.59 11.52
C ASN B 147 17.54 2.38 11.88
N TYR B 148 16.75 1.85 10.97
CA TYR B 148 15.37 1.51 11.29
C TYR B 148 15.32 0.44 12.38
N ARG B 149 14.53 0.68 13.42
CA ARG B 149 14.26 -0.34 14.43
C ARG B 149 12.78 -0.32 14.78
N SER B 150 12.16 -1.49 14.84
CA SER B 150 10.72 -1.58 14.95
C SER B 150 10.32 -2.61 15.99
N VAL B 151 9.11 -2.46 16.53
CA VAL B 151 8.60 -3.38 17.53
C VAL B 151 7.11 -3.61 17.28
N THR B 152 6.66 -4.84 17.46
CA THR B 152 5.26 -5.19 17.30
C THR B 152 4.80 -5.93 18.54
N THR B 153 3.66 -5.54 19.10
CA THR B 153 3.03 -6.30 20.17
C THR B 153 1.60 -6.66 19.80
N VAL B 154 1.10 -7.75 20.39
CA VAL B 154 -0.24 -8.25 20.10
C VAL B 154 -0.98 -8.41 21.42
N HIS B 155 -2.21 -7.91 21.47
CA HIS B 155 -2.97 -7.82 22.71
C HIS B 155 -4.41 -8.24 22.44
N GLU B 156 -5.05 -8.74 23.48
CA GLU B 156 -6.46 -9.05 23.43
C GLU B 156 -7.21 -7.92 24.13
N TYR B 157 -8.44 -7.66 23.68
CA TYR B 157 -9.24 -6.58 24.24
C TYR B 157 -10.70 -6.99 24.29
N GLN B 158 -11.43 -6.38 25.22
CA GLN B 158 -12.82 -6.72 25.52
C GLN B 158 -13.69 -5.47 25.49
N ASN B 159 -14.85 -5.58 24.84
CA ASN B 159 -15.82 -4.50 24.76
C ASN B 159 -17.20 -5.13 25.01
N HIS B 160 -17.60 -5.16 26.29
CA HIS B 160 -18.90 -5.71 26.68
C HIS B 160 -19.08 -7.17 26.28
N GLY B 162 -18.00 -7.92 26.37
CA GLY B 162 -17.96 -9.31 26.01
C GLY B 162 -17.30 -9.58 24.68
N GLU B 163 -17.38 -8.62 23.74
CA GLU B 163 -16.79 -8.85 22.43
C GLU B 163 -15.28 -8.73 22.51
N ILE B 164 -14.59 -9.74 21.99
CA ILE B 164 -13.16 -9.88 22.12
C ILE B 164 -12.54 -9.79 20.74
N TRP B 165 -11.50 -8.99 20.60
CA TRP B 165 -10.74 -8.89 19.37
C TRP B 165 -9.29 -8.69 19.73
N THR B 166 -8.45 -8.61 18.71
CA THR B 166 -7.02 -8.47 18.91
C THR B 166 -6.60 -7.07 18.47
N VAL B 167 -5.63 -6.51 19.17
CA VAL B 167 -5.05 -5.22 18.78
C VAL B 167 -3.57 -5.44 18.52
N VAL B 168 -3.10 -4.96 17.38
CA VAL B 168 -1.69 -5.04 17.00
C VAL B 168 -1.13 -3.62 17.08
N LEU B 169 -0.03 -3.45 17.80
CA LEU B 169 0.65 -2.17 17.87
C LEU B 169 2.02 -2.30 17.21
N GLU B 170 2.30 -1.45 16.23
CA GLU B 170 3.62 -1.43 15.62
C GLU B 170 4.19 -0.02 15.60
N SER B 171 5.42 0.11 16.08
CA SER B 171 6.13 1.38 16.19
C SER B 171 7.50 1.24 15.58
N TYR B 172 8.19 2.37 15.41
CA TYR B 172 9.55 2.34 14.91
C TYR B 172 10.27 3.62 15.31
N VAL B 173 11.57 3.59 15.14
CA VAL B 173 12.41 4.79 15.13
C VAL B 173 13.31 4.69 13.92
N VAL B 174 13.64 5.83 13.33
CA VAL B 174 14.49 5.83 12.15
C VAL B 174 15.21 7.16 12.06
N ASP B 175 16.39 7.15 11.46
CA ASP B 175 17.11 8.36 11.12
C ASP B 175 16.52 8.96 9.86
N MET B 176 16.23 10.24 9.89
CA MET B 176 15.74 10.90 8.69
C MET B 176 16.89 11.17 7.74
N PRO B 177 16.76 10.80 6.46
CA PRO B 177 17.83 11.08 5.49
C PRO B 177 18.10 12.57 5.42
N GLU B 178 19.36 12.91 5.16
CA GLU B 178 19.76 14.30 5.09
C GLU B 178 18.94 14.97 3.99
N GLY B 179 18.17 15.99 4.33
CA GLY B 179 17.28 16.61 3.36
C GLY B 179 15.85 16.15 3.41
N ASN B 180 15.44 15.40 4.44
CA ASN B 180 14.05 15.04 4.65
C ASN B 180 13.56 15.64 5.96
N THR B 181 12.27 15.96 6.00
CA THR B 181 11.65 16.44 7.21
C THR B 181 11.15 15.26 8.05
N GLU B 182 10.89 15.55 9.32
CA GLU B 182 10.24 14.55 10.16
C GLU B 182 8.88 14.20 9.59
N GLU B 183 8.13 15.21 9.14
CA GLU B 183 6.79 15.00 8.65
C GLU B 183 6.80 14.06 7.44
N ASP B 184 7.75 14.24 6.51
CA ASP B 184 7.75 13.43 5.30
C ASP B 184 8.29 12.02 5.54
N THR B 185 9.34 11.90 6.35
CA THR B 185 9.84 10.57 6.66
C THR B 185 8.78 9.76 7.39
N ARG B 186 8.13 10.38 8.36
CA ARG B 186 7.08 9.67 9.08
C ARG B 186 5.90 9.35 8.18
N LEU B 187 5.61 10.24 7.23
CA LEU B 187 4.47 9.98 6.34
C LEU B 187 4.71 8.72 5.55
N PHE B 188 5.93 8.56 5.02
CA PHE B 188 6.26 7.36 4.26
C PHE B 188 6.21 6.12 5.15
N ALA B 189 6.96 6.10 6.27
CA ALA B 189 7.01 4.90 7.10
C ALA B 189 5.63 4.56 7.66
N ASP B 190 4.89 5.57 8.11
CA ASP B 190 3.54 5.34 8.58
C ASP B 190 2.65 4.75 7.49
N THR B 191 2.73 5.28 6.27
CA THR B 191 1.87 4.78 5.20
C THR B 191 2.15 3.31 4.95
N VAL B 192 3.44 2.94 4.92
CA VAL B 192 3.81 1.54 4.68
C VAL B 192 3.37 0.65 5.83
N VAL B 193 3.66 1.06 7.08
CA VAL B 193 3.23 0.24 8.22
C VAL B 193 1.73 0.06 8.19
N LYS B 194 0.99 1.15 7.94
CA LYS B 194 -0.46 1.08 8.00
C LYS B 194 -1.00 0.09 6.96
N LEU B 195 -0.40 0.08 5.77
CA LEU B 195 -0.87 -0.86 4.75
C LEU B 195 -0.54 -2.30 5.13
N ASN B 196 0.64 -2.53 5.72
CA ASN B 196 0.97 -3.88 6.13
C ASN B 196 0.04 -4.37 7.23
N LEU B 197 -0.33 -3.50 8.18
CA LEU B 197 -1.25 -3.91 9.24
C LEU B 197 -2.63 -4.22 8.67
N GLN B 198 -3.07 -3.49 7.64
CA GLN B 198 -4.30 -3.86 6.93
C GLN B 198 -4.19 -5.27 6.35
N LYS B 199 -3.10 -5.56 5.65
CA LYS B 199 -2.89 -6.91 5.14
C LYS B 199 -2.86 -7.92 6.30
N LEU B 200 -2.15 -7.61 7.39
CA LEU B 200 -2.11 -8.54 8.52
C LEU B 200 -3.52 -8.91 8.97
N ALA B 201 -4.40 -7.89 9.11
CA ALA B 201 -5.76 -8.15 9.56
C ALA B 201 -6.52 -9.02 8.57
N SER B 202 -6.42 -8.70 7.28
CA SER B 202 -7.10 -9.49 6.25
C SER B 202 -6.62 -10.93 6.26
N VAL B 203 -5.30 -11.12 6.28
CA VAL B 203 -4.75 -12.47 6.27
C VAL B 203 -5.23 -13.25 7.50
N THR B 204 -5.14 -12.65 8.69
CA THR B 204 -5.45 -13.41 9.90
C THR B 204 -6.96 -13.55 10.13
N GLU B 205 -7.76 -12.55 9.74
CA GLU B 205 -9.20 -12.76 9.88
C GLU B 205 -9.67 -13.88 8.97
N GLY B 206 -8.99 -14.09 7.84
CA GLY B 206 -9.34 -15.20 6.97
C GLY B 206 -8.93 -16.55 7.53
N MET B 207 -7.76 -16.60 8.18
CA MET B 207 -7.32 -17.83 8.85
C MET B 207 -8.26 -18.23 9.99
N ALA B 208 -8.87 -17.25 10.66
CA ALA B 208 -9.75 -17.50 11.80
C ALA B 208 -11.16 -17.92 11.38
N ARG B 209 -11.59 -17.60 10.17
CA ARG B 209 -12.93 -17.98 9.72
C ARG B 209 -13.10 -19.49 9.71
O1 P6G C . 4.29 5.30 -6.47
C2 P6G C . 5.44 5.53 -5.70
C3 P6G C . 5.15 5.33 -4.21
O4 P6G C . 6.29 5.00 -3.47
C5 P6G C . 6.05 4.10 -2.41
C6 P6G C . 6.96 2.87 -2.51
O7 P6G C . 6.41 1.75 -1.87
C8 P6G C . 7.12 1.25 -0.76
C9 P6G C . 8.37 0.48 -1.21
O10 P6G C . 9.34 0.46 -0.20
C11 P6G C . 9.04 -0.27 0.97
C12 P6G C . 9.02 0.66 2.21
O13 P6G C . 10.17 0.50 3.02
C14 P6G C . 10.04 -0.01 4.33
C15 P6G C . 9.58 1.01 5.39
O16 P6G C . 10.49 2.07 5.63
C17 P6G C . 11.66 1.71 6.31
C18 P6G C . 12.81 1.39 5.35
O19 P6G C . 14.02 1.38 6.05
H1 P6G C . 3.85 4.52 -6.16
H21 P6G C . 5.79 6.55 -5.87
H22 P6G C . 6.22 4.84 -6.01
H31 P6G C . 4.42 4.53 -4.12
H32 P6G C . 4.73 6.25 -3.82
H51 P6G C . 5.02 3.77 -2.44
H52 P6G C . 6.24 4.59 -1.46
H61 P6G C . 7.92 3.10 -2.04
H62 P6G C . 7.13 2.63 -3.55
H81 P6G C . 6.49 0.60 -0.18
H82 P6G C . 7.44 2.10 -0.15
H91 P6G C . 8.78 0.96 -2.09
H92 P6G C . 8.07 -0.54 -1.44
H111 P6G C . 9.79 -1.04 1.11
H112 P6G C . 8.07 -0.74 0.86
H121 P6G C . 8.14 0.42 2.80
H122 P6G C . 8.96 1.69 1.88
H141 P6G C . 11.01 -0.40 4.63
H142 P6G C . 9.32 -0.82 4.30
H151 P6G C . 9.44 0.48 6.33
H152 P6G C . 8.64 1.44 5.07
H171 P6G C . 11.46 0.84 6.92
H172 P6G C . 11.96 2.54 6.95
H181 P6G C . 12.64 0.42 4.91
H182 P6G C . 12.85 2.15 4.57
H19 P6G C . 13.85 1.42 6.98
#